data_5JZ6
#
_entry.id   5JZ6
#
_cell.length_a   49.019
_cell.length_b   70.641
_cell.length_c   172.541
_cell.angle_alpha   90.000
_cell.angle_beta   90.000
_cell.angle_gamma   90.000
#
_symmetry.space_group_name_H-M   'P 21 21 21'
#
loop_
_entity.id
_entity.type
_entity.pdbx_description
1 polymer 'Aspartyl/asparaginyl beta-hydroxylase'
2 non-polymer 'MANGANESE (II) ION'
3 non-polymer GLYCEROL
4 non-polymer '(2S)-2-hydroxybutanedioic acid'
5 water water
#
_entity_poly.entity_id   1
_entity_poly.type   'polypeptide(L)'
_entity_poly.pdbx_seq_one_letter_code
;KPKLLNKFDKTIKAELDAAEKLRKRGKIEEAVNAFKELVRKYPQSPRARYGKAQCEDDLAEKRRSNEVLRGAIETYQEVA
SLPDVPADLLKLSLKRRSDRQQFLGHMRGSLLTLQRLVQLFPNDTSLKNDLGVGYLLIGDNDNAKKVYEEVLSVTPNDGF
AKVHYGFILKAQNKIAESIPYLKEGIESGDPGTDDGRFYFHLGDAMQRVGNKEAYKWYELGHKRGHFASVWQRSLYNVNG
LKAQPWWTPKETGYTELVKSLERNWKLIRDEGLAVMDKAKGLFLPEDENLREKGDWSQFTLWQQGRRNENACKGAPKTCT
LLEKFPETTGCRRGQIKYSIMHPGTHVWPHTGPTNCRLRMHLGLVIPKEGCKIRCANETKTWEEGKVLIFDDSFEHEVWQ
DASSFRLIFIVDVWHPELTPQQRRSLPAI
;
_entity_poly.pdbx_strand_id   A
#
loop_
_chem_comp.id
_chem_comp.type
_chem_comp.name
_chem_comp.formula
GOL non-polymer GLYCEROL 'C3 H8 O3'
LMR non-polymer '(2S)-2-hydroxybutanedioic acid' 'C4 H6 O5'
MN non-polymer 'MANGANESE (II) ION' 'Mn 2'
#
# COMPACT_ATOMS: atom_id res chain seq x y z
N LYS A 1 -34.87 -11.22 -0.33
CA LYS A 1 -34.73 -9.96 -1.05
C LYS A 1 -34.30 -10.16 -2.51
N PRO A 2 -33.19 -10.87 -2.75
CA PRO A 2 -32.73 -10.98 -4.13
C PRO A 2 -33.73 -11.69 -5.05
N LYS A 3 -34.03 -11.07 -6.20
CA LYS A 3 -34.95 -11.63 -7.18
C LYS A 3 -34.17 -12.11 -8.39
N LEU A 4 -33.83 -13.39 -8.40
CA LEU A 4 -32.93 -13.95 -9.41
C LEU A 4 -33.64 -14.84 -10.42
N LEU A 5 -34.96 -14.95 -10.31
CA LEU A 5 -35.72 -15.87 -11.15
C LEU A 5 -36.78 -15.16 -11.98
N ASN A 6 -36.73 -15.38 -13.30
CA ASN A 6 -37.80 -14.93 -14.17
C ASN A 6 -38.68 -16.13 -14.51
N LYS A 7 -39.82 -15.87 -15.15
CA LYS A 7 -40.83 -16.90 -15.38
C LYS A 7 -40.25 -18.24 -15.83
N PHE A 8 -39.36 -18.20 -16.81
CA PHE A 8 -38.74 -19.41 -17.34
C PHE A 8 -37.90 -20.10 -16.28
N ASP A 9 -37.33 -19.31 -15.37
CA ASP A 9 -36.49 -19.84 -14.30
C ASP A 9 -37.32 -20.45 -13.19
N LYS A 10 -38.54 -19.94 -13.01
CA LYS A 10 -39.41 -20.34 -11.92
C LYS A 10 -39.92 -21.77 -12.07
N THR A 11 -39.64 -22.40 -13.21
CA THR A 11 -40.13 -23.74 -13.49
C THR A 11 -39.10 -24.82 -13.19
N ILE A 12 -37.91 -24.40 -12.76
CA ILE A 12 -36.80 -25.33 -12.60
C ILE A 12 -36.12 -25.15 -11.24
N LYS A 13 -36.84 -24.57 -10.29
CA LYS A 13 -36.27 -24.26 -8.98
C LYS A 13 -35.63 -25.49 -8.33
N ALA A 14 -36.22 -26.66 -8.54
CA ALA A 14 -35.71 -27.89 -7.96
C ALA A 14 -34.34 -28.23 -8.52
N GLU A 15 -34.21 -28.16 -9.84
CA GLU A 15 -32.95 -28.48 -10.49
C GLU A 15 -31.86 -27.49 -10.08
N LEU A 16 -32.23 -26.22 -10.01
CA LEU A 16 -31.29 -25.16 -9.66
C LEU A 16 -30.82 -25.29 -8.21
N ASP A 17 -31.77 -25.49 -7.31
CA ASP A 17 -31.47 -25.64 -5.89
C ASP A 17 -30.51 -26.79 -5.66
N ALA A 18 -30.74 -27.90 -6.38
CA ALA A 18 -29.86 -29.06 -6.29
C ALA A 18 -28.46 -28.69 -6.75
N ALA A 19 -28.36 -28.20 -7.97
CA ALA A 19 -27.08 -27.77 -8.53
C ALA A 19 -26.40 -26.77 -7.61
N GLU A 20 -27.18 -25.82 -7.10
CA GLU A 20 -26.66 -24.80 -6.19
C GLU A 20 -26.17 -25.42 -4.90
N LYS A 21 -26.96 -26.32 -4.34
CA LYS A 21 -26.63 -26.95 -3.07
C LYS A 21 -25.33 -27.74 -3.16
N LEU A 22 -25.07 -28.32 -4.33
CA LEU A 22 -23.84 -29.08 -4.54
C LEU A 22 -22.63 -28.17 -4.39
N ARG A 23 -22.73 -26.96 -4.91
CA ARG A 23 -21.67 -25.97 -4.75
C ARG A 23 -21.50 -25.63 -3.27
N LYS A 24 -22.62 -25.40 -2.59
CA LYS A 24 -22.62 -25.07 -1.18
C LYS A 24 -21.96 -26.17 -0.36
N ARG A 25 -22.12 -27.41 -0.81
CA ARG A 25 -21.55 -28.56 -0.11
C ARG A 25 -20.03 -28.56 -0.18
N GLY A 26 -19.48 -27.99 -1.23
CA GLY A 26 -18.04 -27.95 -1.43
C GLY A 26 -17.57 -28.87 -2.54
N LYS A 27 -18.39 -29.85 -2.88
CA LYS A 27 -18.12 -30.73 -4.01
C LYS A 27 -18.39 -29.95 -5.29
N ILE A 28 -17.34 -29.31 -5.82
CA ILE A 28 -17.49 -28.31 -6.87
C ILE A 28 -17.59 -28.90 -8.26
N GLU A 29 -16.73 -29.86 -8.58
CA GLU A 29 -16.65 -30.41 -9.94
C GLU A 29 -18.02 -30.92 -10.40
N GLU A 30 -18.87 -31.30 -9.46
CA GLU A 30 -20.23 -31.71 -9.77
C GLU A 30 -21.05 -30.51 -10.20
N ALA A 31 -20.98 -29.44 -9.41
CA ALA A 31 -21.74 -28.22 -9.67
C ALA A 31 -21.43 -27.67 -11.06
N VAL A 32 -20.17 -27.77 -11.47
CA VAL A 32 -19.77 -27.35 -12.81
C VAL A 32 -20.60 -28.07 -13.85
N ASN A 33 -20.33 -29.37 -14.01
CA ASN A 33 -21.05 -30.19 -14.99
C ASN A 33 -22.56 -30.11 -14.77
N ALA A 34 -22.96 -30.01 -13.50
CA ALA A 34 -24.38 -29.88 -13.17
C ALA A 34 -24.96 -28.64 -13.84
N PHE A 35 -24.33 -27.49 -13.60
CA PHE A 35 -24.79 -26.24 -14.20
C PHE A 35 -24.53 -26.20 -15.69
N LYS A 36 -23.39 -26.75 -16.11
CA LYS A 36 -23.05 -26.77 -17.54
C LYS A 36 -24.14 -27.44 -18.35
N GLU A 37 -24.64 -28.57 -17.86
CA GLU A 37 -25.69 -29.30 -18.56
C GLU A 37 -27.01 -28.54 -18.55
N LEU A 38 -27.21 -27.69 -17.54
CA LEU A 38 -28.43 -26.91 -17.46
C LEU A 38 -28.49 -25.85 -18.56
N VAL A 39 -27.34 -25.56 -19.16
CA VAL A 39 -27.28 -24.65 -20.29
C VAL A 39 -27.73 -25.38 -21.56
N ARG A 40 -27.13 -26.53 -21.84
CA ARG A 40 -27.50 -27.31 -23.02
C ARG A 40 -28.99 -27.62 -22.98
N LYS A 41 -29.49 -27.90 -21.78
CA LYS A 41 -30.90 -28.24 -21.59
C LYS A 41 -31.77 -27.02 -21.87
N TYR A 42 -31.37 -25.88 -21.31
CA TYR A 42 -32.09 -24.63 -21.49
C TYR A 42 -31.11 -23.47 -21.63
N PRO A 43 -30.60 -23.24 -22.85
CA PRO A 43 -29.56 -22.23 -23.09
C PRO A 43 -29.88 -20.85 -22.53
N GLN A 44 -31.15 -20.47 -22.52
CA GLN A 44 -31.56 -19.15 -22.05
C GLN A 44 -31.86 -19.18 -20.55
N SER A 45 -30.97 -19.77 -19.78
CA SER A 45 -31.12 -19.84 -18.33
C SER A 45 -30.04 -19.00 -17.64
N PRO A 46 -30.34 -17.73 -17.32
CA PRO A 46 -29.34 -16.89 -16.67
C PRO A 46 -28.84 -17.44 -15.34
N ARG A 47 -29.74 -17.95 -14.52
CA ARG A 47 -29.37 -18.46 -13.20
C ARG A 47 -28.50 -19.70 -13.31
N ALA A 48 -28.71 -20.47 -14.37
CA ALA A 48 -27.89 -21.66 -14.61
C ALA A 48 -26.47 -21.23 -14.99
N ARG A 49 -26.37 -20.28 -15.91
CA ARG A 49 -25.08 -19.74 -16.32
C ARG A 49 -24.43 -19.01 -15.15
N TYR A 50 -25.23 -18.27 -14.41
CA TYR A 50 -24.74 -17.57 -13.22
C TYR A 50 -24.10 -18.56 -12.26
N GLY A 51 -24.72 -19.74 -12.14
CA GLY A 51 -24.17 -20.79 -11.31
C GLY A 51 -22.83 -21.26 -11.84
N LYS A 52 -22.80 -21.60 -13.13
CA LYS A 52 -21.57 -22.03 -13.78
C LYS A 52 -20.44 -21.03 -13.53
N ALA A 53 -20.77 -19.75 -13.57
CA ALA A 53 -19.79 -18.70 -13.31
C ALA A 53 -19.30 -18.78 -11.86
N GLN A 54 -20.24 -18.88 -10.93
CA GLN A 54 -19.90 -18.98 -9.52
C GLN A 54 -19.08 -20.23 -9.25
N CYS A 55 -19.39 -21.30 -9.96
CA CYS A 55 -18.59 -22.52 -9.88
C CYS A 55 -17.17 -22.24 -10.33
N GLU A 56 -17.05 -21.68 -11.54
CA GLU A 56 -15.76 -21.29 -12.08
C GLU A 56 -15.08 -20.29 -11.15
N ASP A 57 -15.86 -19.39 -10.59
CA ASP A 57 -15.35 -18.38 -9.67
C ASP A 57 -14.78 -19.04 -8.43
N ASP A 58 -15.58 -19.89 -7.79
CA ASP A 58 -15.15 -20.62 -6.61
C ASP A 58 -14.02 -21.59 -6.98
N LEU A 59 -14.16 -22.24 -8.12
CA LEU A 59 -13.16 -23.17 -8.61
C LEU A 59 -11.84 -22.46 -8.83
N ALA A 60 -11.91 -21.17 -9.16
CA ALA A 60 -10.71 -20.35 -9.33
C ALA A 60 -10.00 -20.17 -7.99
N GLU A 61 -10.76 -19.77 -6.97
CA GLU A 61 -10.22 -19.61 -5.64
C GLU A 61 -9.58 -20.90 -5.15
N LYS A 62 -10.20 -22.02 -5.50
CA LYS A 62 -9.74 -23.33 -5.08
C LYS A 62 -8.38 -23.67 -5.69
N ARG A 63 -8.25 -23.47 -7.00
CA ARG A 63 -7.06 -23.89 -7.72
C ARG A 63 -6.00 -22.80 -7.79
N ARG A 64 -6.34 -21.60 -7.31
CA ARG A 64 -5.41 -20.48 -7.37
C ARG A 64 -4.92 -20.25 -8.80
N SER A 65 -5.82 -20.42 -9.76
CA SER A 65 -5.49 -20.27 -11.17
C SER A 65 -6.27 -19.13 -11.81
N ASN A 66 -5.57 -18.26 -12.52
CA ASN A 66 -6.19 -17.11 -13.17
C ASN A 66 -6.94 -17.52 -14.43
N GLU A 67 -6.52 -18.62 -15.05
CA GLU A 67 -7.10 -19.04 -16.33
C GLU A 67 -8.58 -19.37 -16.20
N VAL A 68 -8.93 -20.16 -15.20
CA VAL A 68 -10.32 -20.55 -15.01
C VAL A 68 -11.14 -19.34 -14.59
N LEU A 69 -10.49 -18.41 -13.88
CA LEU A 69 -11.16 -17.19 -13.45
C LEU A 69 -11.54 -16.34 -14.65
N ARG A 70 -10.65 -16.30 -15.64
CA ARG A 70 -10.94 -15.57 -16.88
C ARG A 70 -12.19 -16.15 -17.53
N GLY A 71 -12.37 -17.46 -17.42
CA GLY A 71 -13.55 -18.11 -17.94
C GLY A 71 -14.81 -17.62 -17.23
N ALA A 72 -14.73 -17.51 -15.91
CA ALA A 72 -15.84 -17.05 -15.10
C ALA A 72 -16.23 -15.62 -15.48
N ILE A 73 -15.21 -14.78 -15.67
CA ILE A 73 -15.42 -13.39 -16.03
C ILE A 73 -16.26 -13.29 -17.30
N GLU A 74 -16.08 -14.21 -18.22
CA GLU A 74 -16.85 -14.23 -19.46
C GLU A 74 -18.25 -14.80 -19.21
N THR A 75 -18.34 -15.79 -18.34
CA THR A 75 -19.62 -16.43 -18.06
C THR A 75 -20.56 -15.42 -17.38
N TYR A 76 -20.01 -14.59 -16.49
CA TYR A 76 -20.77 -13.53 -15.86
C TYR A 76 -21.30 -12.56 -16.92
N GLN A 77 -20.50 -12.34 -17.95
CA GLN A 77 -20.89 -11.50 -19.07
C GLN A 77 -22.06 -12.14 -19.83
N GLU A 78 -21.96 -13.44 -20.07
CA GLU A 78 -22.98 -14.17 -20.80
C GLU A 78 -24.34 -14.01 -20.15
N VAL A 79 -24.37 -14.04 -18.83
CA VAL A 79 -25.61 -13.88 -18.07
C VAL A 79 -26.32 -12.59 -18.48
N ALA A 80 -25.54 -11.54 -18.71
CA ALA A 80 -26.08 -10.23 -18.98
C ALA A 80 -26.53 -10.05 -20.43
N SER A 81 -26.26 -11.05 -21.27
CA SER A 81 -26.58 -10.97 -22.69
C SER A 81 -27.86 -11.72 -23.06
N LEU A 82 -28.52 -12.30 -22.05
CA LEU A 82 -29.72 -13.09 -22.27
C LEU A 82 -30.96 -12.18 -22.34
N PRO A 83 -32.05 -12.67 -22.97
CA PRO A 83 -33.15 -11.75 -23.29
C PRO A 83 -33.83 -11.13 -22.07
N ASP A 84 -34.32 -11.94 -21.16
CA ASP A 84 -34.99 -11.44 -19.96
C ASP A 84 -34.24 -11.85 -18.71
N VAL A 85 -33.52 -10.88 -18.13
CA VAL A 85 -32.72 -11.15 -16.93
C VAL A 85 -33.27 -10.32 -15.77
N PRO A 86 -33.51 -10.95 -14.61
CA PRO A 86 -33.93 -10.16 -13.45
C PRO A 86 -32.88 -9.12 -13.06
N ALA A 87 -33.32 -7.92 -12.68
CA ALA A 87 -32.42 -6.82 -12.37
C ALA A 87 -31.39 -7.21 -11.31
N ASP A 88 -31.86 -7.77 -10.20
CA ASP A 88 -30.98 -8.14 -9.09
C ASP A 88 -29.86 -9.06 -9.56
N LEU A 89 -30.19 -10.01 -10.43
CA LEU A 89 -29.22 -10.97 -10.93
C LEU A 89 -28.22 -10.28 -11.85
N LEU A 90 -28.74 -9.43 -12.72
CA LEU A 90 -27.93 -8.66 -13.66
C LEU A 90 -26.90 -7.81 -12.92
N LYS A 91 -27.31 -7.26 -11.78
CA LYS A 91 -26.44 -6.42 -10.97
C LYS A 91 -25.37 -7.25 -10.28
N LEU A 92 -25.78 -8.39 -9.73
CA LEU A 92 -24.85 -9.30 -9.06
C LEU A 92 -23.79 -9.84 -10.03
N SER A 93 -24.22 -10.12 -11.25
CA SER A 93 -23.36 -10.75 -12.23
C SER A 93 -22.27 -9.81 -12.72
N LEU A 94 -22.65 -8.59 -13.08
CA LEU A 94 -21.71 -7.63 -13.64
C LEU A 94 -20.83 -7.01 -12.56
N LYS A 95 -21.35 -6.91 -11.34
CA LYS A 95 -20.56 -6.40 -10.23
C LYS A 95 -19.41 -7.36 -9.93
N ARG A 96 -19.74 -8.64 -9.86
CA ARG A 96 -18.72 -9.66 -9.57
C ARG A 96 -17.73 -9.74 -10.72
N ARG A 97 -18.21 -9.52 -11.93
CA ARG A 97 -17.32 -9.49 -13.10
C ARG A 97 -16.33 -8.35 -12.98
N SER A 98 -16.82 -7.17 -12.61
CA SER A 98 -15.96 -6.01 -12.43
C SER A 98 -14.93 -6.25 -11.33
N ASP A 99 -15.37 -6.87 -10.24
CA ASP A 99 -14.49 -7.15 -9.11
C ASP A 99 -13.38 -8.12 -9.50
N ARG A 100 -13.74 -9.18 -10.22
CA ARG A 100 -12.77 -10.19 -10.63
C ARG A 100 -11.85 -9.65 -11.73
N GLN A 101 -12.36 -8.72 -12.53
CA GLN A 101 -11.52 -8.06 -13.52
C GLN A 101 -10.45 -7.24 -12.82
N GLN A 102 -10.84 -6.53 -11.76
CA GLN A 102 -9.91 -5.74 -10.97
C GLN A 102 -8.86 -6.63 -10.30
N PHE A 103 -9.30 -7.81 -9.87
CA PHE A 103 -8.43 -8.76 -9.20
C PHE A 103 -7.26 -9.18 -10.10
N LEU A 104 -7.56 -9.34 -11.38
CA LEU A 104 -6.55 -9.77 -12.35
C LEU A 104 -5.75 -8.58 -12.91
N GLY A 105 -6.17 -7.37 -12.57
CA GLY A 105 -5.48 -6.18 -13.02
C GLY A 105 -6.02 -5.63 -14.33
N HIS A 106 -7.22 -6.07 -14.71
CA HIS A 106 -7.87 -5.56 -15.91
C HIS A 106 -8.65 -4.30 -15.54
N MET A 107 -7.95 -3.24 -15.23
CA MET A 107 -8.57 -2.06 -14.65
C MET A 107 -9.49 -1.35 -15.63
N ARG A 108 -9.06 -1.21 -16.88
CA ARG A 108 -9.88 -0.51 -17.86
C ARG A 108 -11.05 -1.40 -18.30
N GLY A 109 -10.83 -2.70 -18.29
CA GLY A 109 -11.90 -3.64 -18.56
C GLY A 109 -12.97 -3.59 -17.48
N SER A 110 -12.52 -3.47 -16.23
CA SER A 110 -13.43 -3.31 -15.11
C SER A 110 -14.20 -2.00 -15.22
N LEU A 111 -13.53 -0.96 -15.70
CA LEU A 111 -14.16 0.34 -15.84
C LEU A 111 -15.29 0.30 -16.85
N LEU A 112 -15.06 -0.39 -17.97
CA LEU A 112 -16.08 -0.52 -19.01
C LEU A 112 -17.32 -1.21 -18.46
N THR A 113 -17.10 -2.25 -17.65
CA THR A 113 -18.21 -2.95 -17.00
C THR A 113 -18.96 -2.00 -16.06
N LEU A 114 -18.22 -1.23 -15.28
CA LEU A 114 -18.82 -0.28 -14.34
C LEU A 114 -19.61 0.80 -15.07
N GLN A 115 -19.11 1.21 -16.23
CA GLN A 115 -19.79 2.21 -17.03
C GLN A 115 -21.09 1.63 -17.60
N ARG A 116 -21.08 0.33 -17.87
CA ARG A 116 -22.27 -0.37 -18.35
C ARG A 116 -23.32 -0.43 -17.25
N LEU A 117 -22.88 -0.80 -16.05
CA LEU A 117 -23.77 -0.93 -14.90
C LEU A 117 -24.47 0.39 -14.58
N VAL A 118 -23.73 1.49 -14.64
CA VAL A 118 -24.29 2.80 -14.34
C VAL A 118 -25.32 3.18 -15.41
N GLN A 119 -25.10 2.72 -16.64
CA GLN A 119 -26.03 2.98 -17.73
C GLN A 119 -27.31 2.18 -17.51
N LEU A 120 -27.15 0.96 -16.99
CA LEU A 120 -28.29 0.08 -16.74
C LEU A 120 -29.07 0.51 -15.49
N PHE A 121 -28.35 0.95 -14.47
CA PHE A 121 -28.97 1.36 -13.22
C PHE A 121 -28.56 2.80 -12.87
N PRO A 122 -29.14 3.78 -13.57
CA PRO A 122 -28.75 5.19 -13.43
C PRO A 122 -29.11 5.84 -12.10
N ASN A 123 -29.78 5.12 -11.21
CA ASN A 123 -30.21 5.68 -9.93
C ASN A 123 -29.50 5.02 -8.74
N ASP A 124 -28.76 3.95 -9.00
CA ASP A 124 -28.00 3.29 -7.94
C ASP A 124 -26.77 4.11 -7.60
N THR A 125 -26.80 4.69 -6.40
CA THR A 125 -25.71 5.55 -5.92
C THR A 125 -24.43 4.74 -5.70
N SER A 126 -24.58 3.55 -5.14
CA SER A 126 -23.42 2.72 -4.81
C SER A 126 -22.65 2.33 -6.07
N LEU A 127 -23.36 2.16 -7.18
CA LEU A 127 -22.70 1.80 -8.44
C LEU A 127 -21.88 2.96 -8.97
N LYS A 128 -22.38 4.18 -8.80
CA LYS A 128 -21.63 5.36 -9.19
C LYS A 128 -20.39 5.49 -8.32
N ASN A 129 -20.51 5.17 -7.05
CA ASN A 129 -19.37 5.15 -6.15
C ASN A 129 -18.32 4.17 -6.65
N ASP A 130 -18.78 3.00 -7.13
CA ASP A 130 -17.89 1.98 -7.65
C ASP A 130 -17.27 2.42 -8.97
N LEU A 131 -18.04 3.16 -9.76
CA LEU A 131 -17.53 3.70 -11.02
C LEU A 131 -16.37 4.64 -10.75
N GLY A 132 -16.48 5.42 -9.68
CA GLY A 132 -15.44 6.34 -9.29
C GLY A 132 -14.14 5.63 -8.97
N VAL A 133 -14.24 4.52 -8.26
CA VAL A 133 -13.07 3.71 -7.94
C VAL A 133 -12.47 3.19 -9.23
N GLY A 134 -13.31 2.84 -10.18
CA GLY A 134 -12.86 2.38 -11.48
C GLY A 134 -11.98 3.41 -12.17
N TYR A 135 -12.38 4.67 -12.11
CA TYR A 135 -11.60 5.75 -12.70
C TYR A 135 -10.29 5.95 -11.94
N LEU A 136 -10.33 5.85 -10.63
CA LEU A 136 -9.14 6.00 -9.80
C LEU A 136 -8.10 4.93 -10.11
N LEU A 137 -8.57 3.73 -10.46
CA LEU A 137 -7.67 2.60 -10.67
C LEU A 137 -6.94 2.65 -12.01
N ILE A 138 -7.42 3.49 -12.93
CA ILE A 138 -6.70 3.71 -14.18
C ILE A 138 -5.97 5.06 -14.15
N GLY A 139 -6.01 5.75 -13.02
CA GLY A 139 -5.31 7.00 -12.85
C GLY A 139 -6.05 8.21 -13.39
N ASP A 140 -7.35 8.06 -13.60
CA ASP A 140 -8.17 9.15 -14.11
C ASP A 140 -8.92 9.84 -12.97
N ASN A 141 -8.19 10.67 -12.23
CA ASN A 141 -8.75 11.34 -11.06
C ASN A 141 -9.76 12.42 -11.45
N ASP A 142 -9.61 12.97 -12.65
CA ASP A 142 -10.50 14.02 -13.13
C ASP A 142 -11.93 13.50 -13.34
N ASN A 143 -12.06 12.32 -13.95
CA ASN A 143 -13.38 11.73 -14.16
C ASN A 143 -13.93 11.19 -12.86
N ALA A 144 -13.05 10.73 -11.98
CA ALA A 144 -13.47 10.22 -10.68
C ALA A 144 -14.06 11.36 -9.84
N LYS A 145 -13.45 12.54 -9.96
CA LYS A 145 -13.91 13.70 -9.22
C LYS A 145 -15.31 14.11 -9.66
N LYS A 146 -15.55 14.04 -10.97
CA LYS A 146 -16.87 14.36 -11.54
C LYS A 146 -17.93 13.39 -11.03
N VAL A 147 -17.56 12.11 -10.93
CA VAL A 147 -18.48 11.09 -10.46
C VAL A 147 -18.93 11.38 -9.03
N TYR A 148 -17.98 11.63 -8.16
CA TYR A 148 -18.28 11.83 -6.74
C TYR A 148 -18.96 13.18 -6.49
N GLU A 149 -18.71 14.14 -7.37
CA GLU A 149 -19.40 15.43 -7.28
C GLU A 149 -20.86 15.25 -7.67
N GLU A 150 -21.11 14.37 -8.64
CA GLU A 150 -22.46 14.03 -9.05
C GLU A 150 -23.20 13.36 -7.90
N VAL A 151 -22.53 12.41 -7.25
CA VAL A 151 -23.09 11.70 -6.12
C VAL A 151 -23.43 12.66 -5.00
N LEU A 152 -22.49 13.52 -4.66
CA LEU A 152 -22.64 14.43 -3.53
C LEU A 152 -23.69 15.51 -3.79
N SER A 153 -23.96 15.79 -5.06
CA SER A 153 -24.99 16.77 -5.41
C SER A 153 -26.38 16.19 -5.15
N VAL A 154 -26.46 14.86 -5.16
CA VAL A 154 -27.73 14.17 -4.93
C VAL A 154 -27.77 13.62 -3.52
N THR A 155 -26.64 13.05 -3.07
CA THR A 155 -26.52 12.51 -1.71
C THR A 155 -25.37 13.21 -0.99
N PRO A 156 -25.64 14.39 -0.41
CA PRO A 156 -24.57 15.21 0.19
C PRO A 156 -23.85 14.54 1.36
N ASN A 157 -24.48 13.57 2.01
CA ASN A 157 -23.92 12.96 3.21
C ASN A 157 -23.41 11.53 2.98
N ASP A 158 -23.23 11.14 1.73
CA ASP A 158 -22.69 9.83 1.41
C ASP A 158 -21.21 9.76 1.80
N GLY A 159 -20.93 9.01 2.85
CA GLY A 159 -19.58 8.94 3.41
C GLY A 159 -18.52 8.39 2.47
N PHE A 160 -18.88 7.34 1.73
CA PHE A 160 -17.96 6.71 0.80
C PHE A 160 -17.47 7.73 -0.22
N ALA A 161 -18.40 8.55 -0.71
CA ALA A 161 -18.07 9.57 -1.70
C ALA A 161 -17.23 10.69 -1.09
N LYS A 162 -17.42 10.95 0.19
CA LYS A 162 -16.68 12.02 0.86
C LYS A 162 -15.20 11.68 1.04
N VAL A 163 -14.89 10.46 1.47
CA VAL A 163 -13.50 10.08 1.71
C VAL A 163 -12.74 9.99 0.38
N HIS A 164 -13.42 9.54 -0.68
CA HIS A 164 -12.78 9.43 -1.98
C HIS A 164 -12.60 10.82 -2.59
N TYR A 165 -13.62 11.67 -2.44
CA TYR A 165 -13.52 13.05 -2.89
C TYR A 165 -12.38 13.75 -2.17
N GLY A 166 -12.30 13.54 -0.85
CA GLY A 166 -11.21 14.08 -0.06
C GLY A 166 -9.85 13.61 -0.55
N PHE A 167 -9.75 12.32 -0.86
CA PHE A 167 -8.52 11.76 -1.38
C PHE A 167 -8.12 12.44 -2.68
N ILE A 168 -9.09 12.65 -3.56
CA ILE A 168 -8.85 13.27 -4.85
C ILE A 168 -8.35 14.70 -4.66
N LEU A 169 -9.00 15.44 -3.76
CA LEU A 169 -8.60 16.81 -3.47
C LEU A 169 -7.16 16.86 -2.96
N LYS A 170 -6.81 15.94 -2.08
CA LYS A 170 -5.46 15.88 -1.52
C LYS A 170 -4.44 15.61 -2.60
N ALA A 171 -4.78 14.70 -3.51
CA ALA A 171 -3.89 14.34 -4.61
C ALA A 171 -3.70 15.52 -5.57
N GLN A 172 -4.69 16.42 -5.62
CA GLN A 172 -4.60 17.61 -6.45
C GLN A 172 -3.94 18.77 -5.69
N ASN A 173 -3.34 18.44 -4.54
CA ASN A 173 -2.62 19.41 -3.74
C ASN A 173 -3.54 20.46 -3.11
N LYS A 174 -4.80 20.06 -2.87
CA LYS A 174 -5.71 20.88 -2.09
C LYS A 174 -5.84 20.24 -0.71
N ILE A 175 -4.78 20.37 0.08
CA ILE A 175 -4.61 19.64 1.33
C ILE A 175 -5.65 20.06 2.37
N ALA A 176 -5.75 21.36 2.60
CA ALA A 176 -6.63 21.89 3.62
C ALA A 176 -8.09 21.57 3.31
N GLU A 177 -8.44 21.63 2.03
CA GLU A 177 -9.81 21.37 1.61
C GLU A 177 -10.18 19.90 1.79
N SER A 178 -9.19 19.02 1.73
CA SER A 178 -9.43 17.58 1.78
C SER A 178 -9.81 17.09 3.18
N ILE A 179 -9.33 17.79 4.20
CA ILE A 179 -9.43 17.33 5.58
C ILE A 179 -10.89 17.15 6.04
N PRO A 180 -11.74 18.17 5.89
CA PRO A 180 -13.11 17.97 6.37
C PRO A 180 -13.88 16.87 5.65
N TYR A 181 -13.62 16.68 4.35
CA TYR A 181 -14.26 15.61 3.61
C TYR A 181 -13.84 14.25 4.13
N LEU A 182 -12.55 14.11 4.43
CA LEU A 182 -12.03 12.86 4.99
C LEU A 182 -12.57 12.63 6.40
N LYS A 183 -12.62 13.69 7.21
CA LYS A 183 -13.16 13.60 8.56
C LYS A 183 -14.62 13.13 8.56
N GLU A 184 -15.45 13.85 7.81
CA GLU A 184 -16.88 13.60 7.80
C GLU A 184 -17.21 12.22 7.25
N GLY A 185 -16.48 11.81 6.22
CA GLY A 185 -16.70 10.51 5.63
C GLY A 185 -16.37 9.37 6.58
N ILE A 186 -15.30 9.52 7.35
CA ILE A 186 -14.90 8.52 8.33
C ILE A 186 -15.90 8.51 9.48
N GLU A 187 -16.33 9.69 9.90
CA GLU A 187 -17.25 9.79 11.03
C GLU A 187 -18.64 9.29 10.66
N SER A 188 -18.95 9.27 9.37
CA SER A 188 -20.24 8.74 8.90
C SER A 188 -20.37 7.25 9.21
N GLY A 189 -19.24 6.56 9.25
CA GLY A 189 -19.23 5.14 9.51
C GLY A 189 -19.88 4.32 8.41
N ASP A 190 -20.07 4.94 7.25
CA ASP A 190 -20.69 4.26 6.12
C ASP A 190 -19.79 3.14 5.61
N PRO A 191 -20.39 2.12 4.96
CA PRO A 191 -19.59 1.01 4.42
C PRO A 191 -18.48 1.48 3.48
N GLY A 192 -17.25 1.05 3.75
CA GLY A 192 -16.12 1.38 2.90
C GLY A 192 -15.28 2.54 3.41
N THR A 193 -15.75 3.19 4.48
CA THR A 193 -15.04 4.34 5.04
C THR A 193 -14.09 3.96 6.16
N ASP A 194 -14.30 2.79 6.76
CA ASP A 194 -13.43 2.31 7.83
C ASP A 194 -12.20 1.64 7.23
N ASP A 195 -11.39 2.43 6.55
CA ASP A 195 -10.27 1.92 5.77
C ASP A 195 -8.99 2.66 6.17
N GLY A 196 -7.94 1.90 6.49
CA GLY A 196 -6.69 2.46 6.95
C GLY A 196 -6.11 3.53 6.04
N ARG A 197 -6.37 3.41 4.74
CA ARG A 197 -5.84 4.35 3.77
C ARG A 197 -6.35 5.77 4.01
N PHE A 198 -7.58 5.89 4.47
CA PHE A 198 -8.21 7.20 4.67
C PHE A 198 -7.77 7.82 5.99
N TYR A 199 -7.52 6.99 7.00
CA TYR A 199 -6.87 7.47 8.23
C TYR A 199 -5.48 7.98 7.89
N PHE A 200 -4.77 7.22 7.06
CA PHE A 200 -3.41 7.58 6.64
C PHE A 200 -3.37 8.97 6.00
N HIS A 201 -4.22 9.16 4.99
CA HIS A 201 -4.23 10.41 4.25
C HIS A 201 -4.77 11.58 5.08
N LEU A 202 -5.75 11.30 5.93
CA LEU A 202 -6.31 12.31 6.80
C LEU A 202 -5.23 12.83 7.77
N GLY A 203 -4.53 11.92 8.42
CA GLY A 203 -3.46 12.28 9.33
C GLY A 203 -2.32 13.01 8.64
N ASP A 204 -1.98 12.55 7.44
CA ASP A 204 -0.90 13.16 6.67
C ASP A 204 -1.25 14.58 6.27
N ALA A 205 -2.49 14.79 5.84
CA ALA A 205 -2.95 16.10 5.42
C ALA A 205 -2.91 17.09 6.58
N MET A 206 -3.43 16.66 7.73
CA MET A 206 -3.46 17.51 8.91
C MET A 206 -2.05 17.93 9.35
N GLN A 207 -1.12 16.99 9.28
CA GLN A 207 0.26 17.26 9.68
C GLN A 207 0.92 18.27 8.75
N ARG A 208 0.56 18.24 7.48
CA ARG A 208 1.15 19.13 6.49
C ARG A 208 0.56 20.54 6.53
N VAL A 209 -0.51 20.73 7.29
CA VAL A 209 -1.10 22.04 7.47
C VAL A 209 -0.89 22.52 8.90
N GLY A 210 -0.20 21.71 9.71
CA GLY A 210 0.14 22.09 11.06
C GLY A 210 -0.98 21.90 12.06
N ASN A 211 -1.86 20.94 11.81
CA ASN A 211 -2.93 20.62 12.74
C ASN A 211 -2.48 19.47 13.65
N LYS A 212 -2.35 19.76 14.94
CA LYS A 212 -1.82 18.79 15.90
C LYS A 212 -2.84 17.71 16.22
N GLU A 213 -4.06 17.87 15.71
CA GLU A 213 -5.13 16.89 15.94
C GLU A 213 -4.89 15.60 15.15
N ALA A 214 -3.84 15.58 14.33
CA ALA A 214 -3.52 14.40 13.52
C ALA A 214 -3.32 13.14 14.37
N TYR A 215 -2.70 13.29 15.53
CA TYR A 215 -2.36 12.15 16.36
C TYR A 215 -3.61 11.55 17.04
N LYS A 216 -4.63 12.37 17.21
CA LYS A 216 -5.90 11.89 17.75
C LYS A 216 -6.52 10.92 16.76
N TRP A 217 -6.37 11.22 15.47
CA TRP A 217 -6.94 10.38 14.42
C TRP A 217 -6.08 9.14 14.17
N TYR A 218 -4.77 9.28 14.37
CA TYR A 218 -3.87 8.13 14.30
C TYR A 218 -4.21 7.16 15.43
N GLU A 219 -4.46 7.71 16.62
CA GLU A 219 -4.82 6.88 17.77
C GLU A 219 -6.14 6.15 17.51
N LEU A 220 -7.11 6.86 16.93
CA LEU A 220 -8.38 6.23 16.58
C LEU A 220 -8.13 5.13 15.55
N GLY A 221 -7.27 5.40 14.58
CA GLY A 221 -6.91 4.40 13.59
C GLY A 221 -6.34 3.15 14.24
N HIS A 222 -5.50 3.35 15.24
CA HIS A 222 -4.97 2.23 16.02
C HIS A 222 -6.09 1.42 16.66
N LYS A 223 -7.03 2.12 17.28
CA LYS A 223 -8.17 1.46 17.92
C LYS A 223 -8.98 0.64 16.91
N ARG A 224 -9.03 1.10 15.67
CA ARG A 224 -9.78 0.41 14.63
C ARG A 224 -8.96 -0.72 14.00
N GLY A 225 -7.72 -0.86 14.43
CA GLY A 225 -6.87 -1.95 13.97
C GLY A 225 -6.06 -1.63 12.72
N HIS A 226 -5.95 -0.36 12.37
CA HIS A 226 -5.26 0.04 11.15
C HIS A 226 -3.79 0.30 11.40
N PHE A 227 -3.45 0.68 12.62
CA PHE A 227 -2.07 0.96 13.00
C PHE A 227 -1.69 0.18 14.26
N ALA A 228 -0.43 -0.26 14.32
CA ALA A 228 0.07 -0.97 15.49
C ALA A 228 -0.01 -0.09 16.74
N SER A 229 0.23 1.20 16.55
CA SER A 229 0.11 2.18 17.63
C SER A 229 0.01 3.57 17.01
N VAL A 230 -0.10 4.60 17.86
CA VAL A 230 -0.24 5.96 17.38
C VAL A 230 1.03 6.40 16.67
N TRP A 231 2.17 5.81 17.05
CA TRP A 231 3.46 6.13 16.45
C TRP A 231 3.86 5.13 15.37
N GLN A 232 3.58 3.85 15.60
CA GLN A 232 4.03 2.80 14.71
C GLN A 232 2.92 2.46 13.71
N ARG A 233 3.13 2.85 12.44
CA ARG A 233 2.07 2.80 11.45
C ARG A 233 2.51 2.21 10.11
N SER A 234 3.50 1.33 10.14
CA SER A 234 3.95 0.65 8.92
C SER A 234 2.90 -0.35 8.45
N LEU A 235 2.92 -0.66 7.15
CA LEU A 235 1.87 -1.47 6.54
C LEU A 235 2.18 -2.97 6.54
N TYR A 236 3.41 -3.33 6.19
CA TYR A 236 3.80 -4.74 6.08
C TYR A 236 4.56 -5.21 7.31
N ASN A 237 3.87 -5.88 8.20
CA ASN A 237 4.42 -6.17 9.53
C ASN A 237 4.42 -7.66 9.90
N VAL A 238 5.30 -8.00 10.83
CA VAL A 238 5.32 -9.32 11.45
C VAL A 238 5.01 -9.11 12.93
N ASN A 239 4.09 -9.92 13.45
CA ASN A 239 3.64 -9.76 14.84
C ASN A 239 4.68 -10.31 15.82
N GLY A 240 4.76 -9.68 16.99
CA GLY A 240 5.61 -10.17 18.06
C GLY A 240 6.96 -9.48 18.17
N LEU A 241 7.34 -8.73 17.14
CA LEU A 241 8.64 -8.06 17.12
C LEU A 241 8.66 -6.88 18.07
N LYS A 242 9.66 -6.87 18.96
CA LYS A 242 9.85 -5.79 19.92
C LYS A 242 9.72 -4.43 19.24
N ALA A 243 8.88 -3.56 19.81
CA ALA A 243 8.59 -2.28 19.20
C ALA A 243 8.99 -1.11 20.10
N GLN A 244 10.10 -0.46 19.75
CA GLN A 244 10.52 0.76 20.43
C GLN A 244 11.19 1.69 19.41
N PRO A 245 11.09 3.02 19.62
CA PRO A 245 11.60 3.95 18.61
C PRO A 245 13.12 4.00 18.48
N TRP A 246 13.83 4.01 19.61
CA TRP A 246 15.29 4.08 19.60
C TRP A 246 15.92 2.83 20.19
N TRP A 247 16.97 2.34 19.55
CA TRP A 247 17.71 1.17 19.99
C TRP A 247 19.16 1.51 20.28
N THR A 248 19.74 0.85 21.28
CA THR A 248 21.19 0.89 21.48
C THR A 248 21.80 -0.29 20.73
N PRO A 249 23.07 -0.18 20.34
CA PRO A 249 23.69 -1.30 19.62
C PRO A 249 23.64 -2.63 20.37
N LYS A 250 23.72 -2.57 21.70
CA LYS A 250 23.69 -3.80 22.50
C LYS A 250 22.31 -4.46 22.42
N GLU A 251 21.26 -3.65 22.42
CA GLU A 251 19.90 -4.17 22.33
C GLU A 251 19.66 -4.90 21.01
N THR A 252 20.38 -4.51 19.97
CA THR A 252 20.19 -5.10 18.65
C THR A 252 20.99 -6.39 18.49
N GLY A 253 22.08 -6.51 19.24
CA GLY A 253 22.95 -7.66 19.13
C GLY A 253 23.95 -7.57 17.98
N TYR A 254 23.80 -6.54 17.16
CA TYR A 254 24.68 -6.34 16.00
C TYR A 254 25.87 -5.48 16.38
N THR A 255 26.54 -5.84 17.46
CA THR A 255 27.62 -5.02 18.00
C THR A 255 28.85 -4.98 17.10
N GLU A 256 29.12 -6.08 16.38
CA GLU A 256 30.28 -6.14 15.51
C GLU A 256 30.08 -5.26 14.27
N LEU A 257 28.87 -5.27 13.72
CA LEU A 257 28.56 -4.39 12.60
C LEU A 257 28.76 -2.93 13.01
N VAL A 258 28.22 -2.58 14.16
CA VAL A 258 28.29 -1.21 14.66
C VAL A 258 29.74 -0.79 14.89
N LYS A 259 30.53 -1.68 15.49
CA LYS A 259 31.94 -1.42 15.73
C LYS A 259 32.69 -1.19 14.43
N SER A 260 32.40 -2.01 13.43
CA SER A 260 33.08 -1.91 12.15
C SER A 260 32.78 -0.58 11.46
N LEU A 261 31.54 -0.12 11.62
CA LEU A 261 31.12 1.14 11.01
C LEU A 261 31.78 2.34 11.70
N GLU A 262 31.78 2.32 13.03
CA GLU A 262 32.32 3.43 13.80
C GLU A 262 33.84 3.50 13.74
N ARG A 263 34.49 2.36 13.52
CA ARG A 263 35.96 2.31 13.53
C ARG A 263 36.55 2.66 12.17
N ASN A 264 35.82 2.35 11.10
CA ASN A 264 36.28 2.65 9.75
C ASN A 264 35.45 3.76 9.12
N TRP A 265 34.95 4.68 9.92
CA TRP A 265 33.99 5.67 9.43
C TRP A 265 34.64 6.68 8.48
N LYS A 266 35.87 7.09 8.76
CA LYS A 266 36.56 8.04 7.90
C LYS A 266 36.69 7.47 6.49
N LEU A 267 36.94 6.16 6.43
CA LEU A 267 37.03 5.44 5.16
C LEU A 267 35.70 5.48 4.40
N ILE A 268 34.61 5.29 5.14
CA ILE A 268 33.28 5.28 4.55
C ILE A 268 32.93 6.68 4.08
N ARG A 269 33.26 7.67 4.90
CA ARG A 269 33.09 9.06 4.55
C ARG A 269 33.81 9.41 3.24
N ASP A 270 35.09 9.05 3.16
CA ASP A 270 35.94 9.50 2.05
C ASP A 270 35.48 8.95 0.71
N GLU A 271 34.97 7.73 0.68
CA GLU A 271 34.48 7.13 -0.56
C GLU A 271 33.17 7.77 -0.96
N GLY A 272 32.43 8.26 0.02
CA GLY A 272 31.17 8.95 -0.23
C GLY A 272 31.43 10.33 -0.80
N LEU A 273 32.37 11.04 -0.20
CA LEU A 273 32.74 12.38 -0.64
C LEU A 273 33.36 12.34 -2.04
N ALA A 274 34.08 11.27 -2.34
CA ALA A 274 34.70 11.11 -3.64
C ALA A 274 33.63 11.00 -4.73
N VAL A 275 32.57 10.25 -4.43
CA VAL A 275 31.45 10.10 -5.36
C VAL A 275 30.77 11.46 -5.56
N MET A 276 30.56 12.19 -4.47
CA MET A 276 30.02 13.54 -4.53
C MET A 276 30.79 14.40 -5.53
N ASP A 277 32.11 14.38 -5.40
CA ASP A 277 32.97 15.28 -6.16
C ASP A 277 33.17 14.83 -7.61
N LYS A 278 33.19 13.52 -7.82
CA LYS A 278 33.57 12.97 -9.12
C LYS A 278 32.37 12.43 -9.90
N ALA A 279 31.36 11.97 -9.19
CA ALA A 279 30.16 11.42 -9.82
C ALA A 279 28.91 11.83 -9.05
N LYS A 280 28.65 13.13 -9.00
CA LYS A 280 27.53 13.66 -8.23
C LYS A 280 26.19 13.13 -8.76
N GLY A 281 26.18 12.74 -10.03
CA GLY A 281 24.98 12.21 -10.65
C GLY A 281 24.52 10.91 -10.03
N LEU A 282 25.40 10.26 -9.28
CA LEU A 282 25.08 9.00 -8.61
C LEU A 282 24.24 9.25 -7.37
N PHE A 283 24.23 10.49 -6.88
CA PHE A 283 23.35 10.88 -5.80
C PHE A 283 22.01 11.33 -6.38
N LEU A 284 20.99 10.50 -6.22
CA LEU A 284 19.67 10.77 -6.79
C LEU A 284 18.77 11.47 -5.78
N PRO A 285 17.91 12.40 -6.25
CA PRO A 285 16.97 13.05 -5.33
C PRO A 285 16.12 12.05 -4.56
N GLU A 286 15.89 12.33 -3.29
CA GLU A 286 15.06 11.47 -2.45
C GLU A 286 13.58 11.73 -2.70
N ASP A 287 12.73 10.97 -2.02
CA ASP A 287 11.28 11.03 -2.20
C ASP A 287 10.76 12.46 -2.18
N GLU A 288 10.19 12.89 -3.31
CA GLU A 288 9.67 14.24 -3.45
C GLU A 288 8.45 14.48 -2.55
N ASN A 289 7.66 13.43 -2.33
CA ASN A 289 6.47 13.54 -1.49
C ASN A 289 6.83 13.82 -0.03
N LEU A 290 8.01 13.36 0.40
CA LEU A 290 8.44 13.53 1.79
C LEU A 290 9.21 14.83 2.00
N ARG A 291 9.69 15.42 0.92
CA ARG A 291 10.48 16.65 1.02
C ARG A 291 9.60 17.89 0.89
N GLU A 292 9.46 18.63 1.98
CA GLU A 292 8.74 19.90 1.96
C GLU A 292 9.55 20.95 1.21
N LYS A 293 10.86 20.93 1.44
CA LYS A 293 11.76 21.94 0.89
C LYS A 293 13.21 21.48 1.05
N GLY A 294 14.12 22.17 0.36
CA GLY A 294 15.54 21.89 0.49
C GLY A 294 16.10 20.96 -0.55
N ASP A 295 17.28 20.41 -0.26
CA ASP A 295 17.97 19.52 -1.18
C ASP A 295 18.36 18.26 -0.43
N TRP A 296 17.98 17.12 -0.97
CA TRP A 296 18.06 15.86 -0.26
C TRP A 296 18.26 14.71 -1.24
N SER A 297 19.44 14.10 -1.20
CA SER A 297 19.83 13.11 -2.21
C SER A 297 20.40 11.86 -1.57
N GLN A 298 20.54 10.81 -2.36
CA GLN A 298 20.93 9.51 -1.84
C GLN A 298 21.70 8.69 -2.88
N PHE A 299 22.67 7.93 -2.39
CA PHE A 299 23.49 7.08 -3.24
C PHE A 299 23.49 5.66 -2.69
N THR A 300 22.86 4.74 -3.42
CA THR A 300 22.53 3.42 -2.89
C THR A 300 23.57 2.36 -3.28
N LEU A 301 23.95 1.54 -2.29
CA LEU A 301 24.88 0.44 -2.50
C LEU A 301 24.13 -0.89 -2.55
N TRP A 302 23.20 -1.06 -1.63
CA TRP A 302 22.37 -2.26 -1.58
C TRP A 302 20.90 -1.88 -1.58
N GLN A 303 20.10 -2.61 -2.35
CA GLN A 303 18.66 -2.41 -2.37
C GLN A 303 17.94 -3.74 -2.35
N GLN A 304 17.14 -3.97 -1.32
CA GLN A 304 16.38 -5.20 -1.18
C GLN A 304 17.31 -6.41 -1.24
N GLY A 305 18.44 -6.32 -0.54
CA GLY A 305 19.39 -7.42 -0.49
C GLY A 305 20.13 -7.65 -1.79
N ARG A 306 20.03 -6.68 -2.70
CA ARG A 306 20.71 -6.78 -3.98
C ARG A 306 21.81 -5.72 -4.10
N ARG A 307 23.04 -6.17 -4.27
CA ARG A 307 24.18 -5.27 -4.41
C ARG A 307 24.13 -4.56 -5.76
N ASN A 308 24.34 -3.25 -5.74
CA ASN A 308 24.45 -2.47 -6.96
C ASN A 308 25.91 -2.45 -7.42
N GLU A 309 26.22 -3.28 -8.42
CA GLU A 309 27.61 -3.48 -8.85
C GLU A 309 28.27 -2.17 -9.27
N ASN A 310 27.54 -1.34 -9.99
CA ASN A 310 28.10 -0.08 -10.49
C ASN A 310 28.43 0.87 -9.34
N ALA A 311 27.59 0.85 -8.31
CA ALA A 311 27.77 1.72 -7.17
C ALA A 311 28.97 1.31 -6.31
N CYS A 312 29.20 0.01 -6.21
CA CYS A 312 30.29 -0.51 -5.41
C CYS A 312 31.64 -0.24 -6.07
N LYS A 313 31.64 -0.07 -7.39
CA LYS A 313 32.84 0.31 -8.10
C LYS A 313 33.25 1.74 -7.74
N GLY A 314 32.30 2.51 -7.22
CA GLY A 314 32.58 3.86 -6.77
C GLY A 314 32.96 3.92 -5.31
N ALA A 315 32.57 2.90 -4.56
CA ALA A 315 32.91 2.81 -3.14
C ALA A 315 33.33 1.38 -2.80
N PRO A 316 34.44 0.92 -3.41
CA PRO A 316 34.86 -0.48 -3.35
C PRO A 316 35.21 -0.98 -1.94
N LYS A 317 35.82 -0.12 -1.11
CA LYS A 317 36.26 -0.53 0.22
C LYS A 317 35.07 -0.65 1.17
N THR A 318 34.14 0.30 1.07
CA THR A 318 32.94 0.29 1.90
C THR A 318 32.11 -0.95 1.62
N CYS A 319 32.00 -1.32 0.35
CA CYS A 319 31.24 -2.50 -0.03
C CYS A 319 31.92 -3.76 0.47
N THR A 320 33.25 -3.80 0.34
CA THR A 320 34.04 -4.91 0.86
C THR A 320 33.80 -5.07 2.35
N LEU A 321 33.74 -3.94 3.05
CA LEU A 321 33.52 -3.94 4.49
C LEU A 321 32.15 -4.54 4.83
N LEU A 322 31.13 -4.16 4.07
CA LEU A 322 29.76 -4.58 4.36
C LEU A 322 29.48 -6.04 4.00
N GLU A 323 30.26 -6.58 3.07
CA GLU A 323 30.07 -7.97 2.63
C GLU A 323 30.11 -8.94 3.80
N LYS A 324 30.77 -8.53 4.88
CA LYS A 324 30.99 -9.41 6.03
C LYS A 324 29.75 -9.54 6.91
N PHE A 325 28.76 -8.67 6.72
CA PHE A 325 27.60 -8.61 7.60
C PHE A 325 26.29 -8.86 6.85
N PRO A 326 25.91 -10.14 6.69
CA PRO A 326 24.70 -10.48 5.93
C PRO A 326 23.40 -9.96 6.54
N GLU A 327 23.44 -9.56 7.81
CA GLU A 327 22.23 -9.06 8.47
C GLU A 327 21.78 -7.74 7.84
N THR A 328 22.64 -7.13 7.03
CA THR A 328 22.28 -5.90 6.33
C THR A 328 22.33 -6.07 4.81
N THR A 329 23.34 -6.77 4.29
CA THR A 329 23.46 -6.98 2.86
C THR A 329 22.39 -7.97 2.37
N GLY A 330 21.88 -8.78 3.30
CA GLY A 330 20.85 -9.74 2.98
C GLY A 330 19.46 -9.30 3.41
N CYS A 331 19.37 -8.10 3.98
CA CYS A 331 18.08 -7.57 4.40
C CYS A 331 17.26 -7.15 3.18
N ARG A 332 16.34 -8.01 2.77
CA ARG A 332 15.56 -7.77 1.57
C ARG A 332 14.49 -6.71 1.74
N ARG A 333 14.33 -6.19 2.96
CA ARG A 333 13.36 -5.15 3.22
C ARG A 333 14.03 -3.84 3.66
N GLY A 334 15.31 -3.70 3.35
CA GLY A 334 16.05 -2.50 3.69
C GLY A 334 17.00 -2.06 2.59
N GLN A 335 17.77 -1.02 2.86
CA GLN A 335 18.78 -0.55 1.91
C GLN A 335 20.08 -0.17 2.62
N ILE A 336 21.13 -0.01 1.84
CA ILE A 336 22.37 0.57 2.31
C ILE A 336 22.69 1.72 1.36
N LYS A 337 22.84 2.92 1.91
CA LYS A 337 22.99 4.10 1.06
C LYS A 337 23.55 5.32 1.79
N TYR A 338 24.29 6.13 1.06
CA TYR A 338 24.68 7.45 1.52
C TYR A 338 23.49 8.39 1.39
N SER A 339 23.36 9.34 2.30
CA SER A 339 22.29 10.32 2.24
C SER A 339 22.82 11.70 2.59
N ILE A 340 22.70 12.63 1.63
CA ILE A 340 23.15 14.00 1.84
C ILE A 340 21.95 14.94 1.94
N MET A 341 21.99 15.80 2.95
CA MET A 341 20.93 16.77 3.17
C MET A 341 21.56 18.15 3.36
N HIS A 342 21.07 19.12 2.59
CA HIS A 342 21.63 20.46 2.63
C HIS A 342 20.77 21.40 3.48
N PRO A 343 21.30 22.57 3.84
CA PRO A 343 20.53 23.53 4.65
C PRO A 343 19.20 23.92 4.02
N GLY A 344 18.23 24.24 4.86
CA GLY A 344 16.91 24.63 4.41
C GLY A 344 16.06 23.44 4.00
N THR A 345 16.41 22.26 4.52
CA THR A 345 15.66 21.05 4.20
C THR A 345 14.78 20.62 5.37
N HIS A 346 13.56 20.19 5.05
CA HIS A 346 12.66 19.60 6.02
C HIS A 346 11.96 18.39 5.42
N VAL A 347 12.01 17.27 6.14
CA VAL A 347 11.36 16.04 5.70
C VAL A 347 10.08 15.86 6.51
N TRP A 348 8.95 15.75 5.82
CA TRP A 348 7.67 15.56 6.48
C TRP A 348 7.70 14.33 7.40
N PRO A 349 6.92 14.35 8.50
CA PRO A 349 6.80 13.14 9.32
C PRO A 349 6.28 11.96 8.51
N HIS A 350 6.81 10.77 8.77
CA HIS A 350 6.43 9.60 8.00
C HIS A 350 6.97 8.33 8.66
N THR A 351 6.53 7.18 8.17
CA THR A 351 7.06 5.90 8.60
C THR A 351 7.55 5.11 7.39
N GLY A 352 8.40 4.13 7.63
CA GLY A 352 8.80 3.19 6.60
C GLY A 352 7.70 2.18 6.34
N PRO A 353 7.90 1.30 5.36
CA PRO A 353 6.88 0.33 4.94
C PRO A 353 6.74 -0.91 5.83
N THR A 354 7.74 -1.22 6.66
CA THR A 354 7.75 -2.48 7.41
C THR A 354 8.32 -2.34 8.83
N ASN A 355 7.94 -3.28 9.70
CA ASN A 355 8.50 -3.35 11.05
C ASN A 355 9.57 -4.43 11.13
N CYS A 356 9.98 -4.94 9.98
CA CYS A 356 10.93 -6.04 9.90
C CYS A 356 12.37 -5.59 9.75
N ARG A 357 12.62 -4.30 9.95
CA ARG A 357 13.97 -3.77 9.84
C ARG A 357 14.24 -2.70 10.88
N LEU A 358 15.51 -2.54 11.23
CA LEU A 358 15.96 -1.40 12.01
C LEU A 358 16.85 -0.56 11.12
N ARG A 359 16.90 0.76 11.38
CA ARG A 359 17.68 1.65 10.55
C ARG A 359 18.85 2.25 11.32
N MET A 360 20.06 1.98 10.85
CA MET A 360 21.26 2.54 11.45
C MET A 360 21.70 3.79 10.69
N HIS A 361 22.06 4.82 11.43
CA HIS A 361 22.64 6.03 10.85
C HIS A 361 24.07 6.25 11.36
N LEU A 362 25.05 6.20 10.46
CA LEU A 362 26.41 6.56 10.79
C LEU A 362 26.69 8.00 10.36
N GLY A 363 27.05 8.84 11.31
CA GLY A 363 27.40 10.22 11.01
C GLY A 363 28.74 10.34 10.31
N LEU A 364 28.74 10.91 9.12
CA LEU A 364 29.98 11.09 8.36
C LEU A 364 30.42 12.55 8.37
N VAL A 365 29.52 13.45 7.95
CA VAL A 365 29.80 14.88 8.02
C VAL A 365 28.60 15.56 8.66
N ILE A 366 28.78 16.01 9.90
CA ILE A 366 27.69 16.59 10.67
C ILE A 366 28.03 18.04 11.06
N PRO A 367 27.29 19.02 10.52
CA PRO A 367 27.51 20.41 10.96
C PRO A 367 27.40 20.56 12.47
N LYS A 368 28.00 21.62 13.01
CA LYS A 368 28.07 21.82 14.45
C LYS A 368 26.68 21.96 15.06
N GLU A 369 25.76 22.55 14.31
CA GLU A 369 24.40 22.76 14.80
C GLU A 369 23.40 22.84 13.64
N GLY A 370 22.13 22.55 13.94
CA GLY A 370 21.06 22.71 12.97
C GLY A 370 20.44 21.41 12.47
N CYS A 371 21.16 20.31 12.60
CA CYS A 371 20.69 19.02 12.11
C CYS A 371 20.15 18.17 13.25
N LYS A 372 18.93 17.65 13.08
CA LYS A 372 18.33 16.80 14.09
C LYS A 372 17.28 15.86 13.50
N ILE A 373 16.99 14.79 14.22
CA ILE A 373 16.01 13.81 13.78
C ILE A 373 15.15 13.37 14.96
N ARG A 374 13.83 13.39 14.75
CA ARG A 374 12.89 12.91 15.75
C ARG A 374 12.34 11.55 15.35
N CYS A 375 12.28 10.63 16.30
CA CYS A 375 11.52 9.39 16.12
C CYS A 375 10.60 9.24 17.32
N ALA A 376 9.31 9.12 17.05
CA ALA A 376 8.29 9.16 18.09
C ALA A 376 8.40 10.49 18.87
N ASN A 377 8.61 10.40 20.19
CA ASN A 377 8.63 11.59 21.03
C ASN A 377 10.05 12.07 21.38
N GLU A 378 11.06 11.40 20.83
CA GLU A 378 12.45 11.74 21.16
C GLU A 378 13.19 12.30 19.95
N THR A 379 13.87 13.42 20.16
CA THR A 379 14.68 14.05 19.11
C THR A 379 16.15 13.96 19.44
N LYS A 380 16.96 13.60 18.44
CA LYS A 380 18.38 13.41 18.64
C LYS A 380 19.18 14.07 17.51
N THR A 381 20.50 14.12 17.69
CA THR A 381 21.39 14.64 16.68
C THR A 381 22.42 13.57 16.31
N TRP A 382 23.06 13.74 15.16
CA TRP A 382 24.11 12.81 14.74
C TRP A 382 25.47 13.21 15.28
N GLU A 383 26.40 12.27 15.28
CA GLU A 383 27.79 12.51 15.62
C GLU A 383 28.70 11.87 14.58
N GLU A 384 29.74 12.58 14.17
CA GLU A 384 30.69 12.03 13.23
C GLU A 384 31.40 10.83 13.86
N GLY A 385 31.27 9.68 13.20
CA GLY A 385 31.88 8.45 13.69
C GLY A 385 31.02 7.65 14.65
N LYS A 386 29.79 8.12 14.88
CA LYS A 386 28.88 7.44 15.79
C LYS A 386 27.62 6.95 15.08
N VAL A 387 27.07 5.86 15.59
CA VAL A 387 25.90 5.25 15.00
C VAL A 387 24.67 5.50 15.85
N LEU A 388 23.58 5.90 15.20
CA LEU A 388 22.26 5.96 15.82
C LEU A 388 21.41 4.82 15.26
N ILE A 389 20.54 4.27 16.09
CA ILE A 389 19.66 3.19 15.64
C ILE A 389 18.23 3.50 16.04
N PHE A 390 17.33 3.56 15.06
CA PHE A 390 15.91 3.70 15.35
C PHE A 390 15.06 2.79 14.47
N ASP A 391 13.84 2.54 14.93
CA ASP A 391 12.87 1.75 14.19
C ASP A 391 12.04 2.69 13.33
N ASP A 392 12.28 2.71 12.02
CA ASP A 392 11.70 3.71 11.15
C ASP A 392 10.26 3.35 10.76
N SER A 393 9.73 2.29 11.34
CA SER A 393 8.29 2.02 11.24
C SER A 393 7.57 2.91 12.24
N PHE A 394 8.33 3.51 13.16
CA PHE A 394 7.82 4.59 14.00
C PHE A 394 7.95 5.90 13.22
N GLU A 395 6.98 6.79 13.41
CA GLU A 395 7.01 8.11 12.79
C GLU A 395 8.31 8.83 13.11
N HIS A 396 8.99 9.30 12.08
CA HIS A 396 10.19 10.11 12.27
C HIS A 396 10.19 11.32 11.35
N GLU A 397 10.95 12.34 11.73
CA GLU A 397 10.96 13.61 11.03
C GLU A 397 12.37 14.20 11.07
N VAL A 398 12.76 14.93 10.03
CA VAL A 398 14.14 15.39 9.91
C VAL A 398 14.22 16.88 9.53
N TRP A 399 15.15 17.58 10.16
CA TRP A 399 15.41 18.99 9.86
C TRP A 399 16.88 19.22 9.50
N GLN A 400 17.12 20.16 8.60
CA GLN A 400 18.48 20.58 8.27
C GLN A 400 18.53 22.10 8.17
N ASP A 401 18.94 22.75 9.26
CA ASP A 401 19.02 24.21 9.32
C ASP A 401 20.43 24.65 9.68
N ALA A 402 21.42 24.03 9.06
CA ALA A 402 22.82 24.35 9.33
C ALA A 402 23.35 25.30 8.26
N SER A 403 24.67 25.44 8.20
CA SER A 403 25.31 26.31 7.23
C SER A 403 26.14 25.52 6.23
N SER A 404 26.13 24.20 6.37
CA SER A 404 26.85 23.32 5.45
C SER A 404 26.12 21.99 5.34
N PHE A 405 26.58 21.13 4.43
CA PHE A 405 25.86 19.90 4.13
C PHE A 405 25.99 18.85 5.23
N ARG A 406 25.02 17.94 5.29
CA ARG A 406 25.03 16.84 6.25
C ARG A 406 25.07 15.52 5.50
N LEU A 407 26.12 14.74 5.76
CA LEU A 407 26.26 13.43 5.12
C LEU A 407 26.20 12.32 6.15
N ILE A 408 25.38 11.31 5.88
CA ILE A 408 25.27 10.15 6.76
C ILE A 408 25.29 8.88 5.93
N PHE A 409 25.62 7.77 6.59
CA PHE A 409 25.56 6.46 5.98
C PHE A 409 24.39 5.70 6.59
N ILE A 410 23.51 5.16 5.76
CA ILE A 410 22.30 4.50 6.24
C ILE A 410 22.41 3.00 6.01
N VAL A 411 22.21 2.24 7.08
CA VAL A 411 22.35 0.79 7.03
C VAL A 411 21.16 0.11 7.69
N ASP A 412 20.33 -0.55 6.89
CA ASP A 412 19.18 -1.28 7.40
C ASP A 412 19.56 -2.72 7.76
N VAL A 413 19.07 -3.18 8.91
CA VAL A 413 19.31 -4.56 9.33
C VAL A 413 17.98 -5.24 9.63
N TRP A 414 17.95 -6.56 9.45
CA TRP A 414 16.82 -7.37 9.89
C TRP A 414 16.51 -7.04 11.34
N HIS A 415 15.23 -6.98 11.68
CA HIS A 415 14.84 -6.91 13.09
C HIS A 415 15.47 -8.12 13.78
N PRO A 416 16.21 -7.89 14.88
CA PRO A 416 17.00 -8.99 15.47
C PRO A 416 16.17 -10.18 15.96
N GLU A 417 14.90 -9.99 16.26
CA GLU A 417 14.06 -11.07 16.77
C GLU A 417 13.47 -11.93 15.65
N LEU A 418 13.68 -11.54 14.41
CA LEU A 418 13.28 -12.38 13.27
C LEU A 418 14.18 -13.61 13.20
N THR A 419 13.57 -14.78 13.02
CA THR A 419 14.34 -16.01 12.95
C THR A 419 14.96 -16.18 11.56
N PRO A 420 16.03 -16.97 11.45
CA PRO A 420 16.66 -17.25 10.16
C PRO A 420 15.66 -17.68 9.08
N GLN A 421 14.67 -18.48 9.47
CA GLN A 421 13.68 -18.97 8.50
C GLN A 421 12.78 -17.83 8.03
N GLN A 422 12.43 -16.94 8.95
CA GLN A 422 11.62 -15.77 8.61
C GLN A 422 12.38 -14.86 7.65
N ARG A 423 13.65 -14.61 7.95
CA ARG A 423 14.50 -13.77 7.10
C ARG A 423 14.63 -14.37 5.71
N ARG A 424 14.47 -15.68 5.61
CA ARG A 424 14.59 -16.38 4.35
C ARG A 424 13.27 -16.40 3.58
N SER A 425 12.16 -16.29 4.29
CA SER A 425 10.84 -16.51 3.71
C SER A 425 10.16 -15.22 3.27
N LEU A 426 10.35 -14.14 4.03
CA LEU A 426 9.64 -12.89 3.78
C LEU A 426 9.88 -12.37 2.36
N PRO A 427 8.82 -11.87 1.69
CA PRO A 427 9.05 -11.21 0.40
C PRO A 427 9.78 -9.88 0.56
N ALA A 428 10.23 -9.29 -0.54
CA ALA A 428 11.05 -8.08 -0.49
C ALA A 428 10.21 -6.81 -0.53
N ILE A 429 10.70 -5.77 0.12
CA ILE A 429 10.04 -4.47 0.13
C ILE A 429 11.11 -3.39 0.17
MN MN B . 12.44 7.82 6.62
C1 GOL C . 13.61 4.57 1.91
O1 GOL C . 13.80 5.53 2.93
C2 GOL C . 12.84 3.38 2.45
O2 GOL C . 11.88 3.81 3.39
C3 GOL C . 12.13 2.66 1.31
O3 GOL C . 11.83 1.34 1.68
C1 GOL D . -20.54 1.76 -0.95
O1 GOL D . -21.23 2.62 -1.84
C2 GOL D . -20.08 0.51 -1.70
O2 GOL D . -19.92 0.80 -3.06
C3 GOL D . -18.76 0.01 -1.12
O3 GOL D . -18.96 -0.49 0.18
C1 GOL E . 1.27 12.11 20.26
O1 GOL E . 1.43 13.51 20.34
C2 GOL E . 1.20 11.52 21.66
O2 GOL E . -0.03 11.89 22.26
C3 GOL E . 1.28 10.00 21.61
O3 GOL E . 1.68 9.49 22.86
C1 GOL F . 5.43 8.16 23.89
O1 GOL F . 4.08 8.49 24.10
C2 GOL F . 5.57 6.65 23.75
O2 GOL F . 4.33 6.08 23.43
C3 GOL F . 6.59 6.32 22.67
O3 GOL F . 6.69 4.92 22.51
C1 LMR G . 14.81 8.73 7.05
O1A LMR G . 13.81 9.49 7.14
O1B LMR G . 14.65 7.49 6.87
C2 LMR G . 16.21 9.31 7.14
O2 LMR G . 17.14 8.27 7.01
C3 LMR G . 16.43 10.32 6.01
C4 LMR G . 17.72 11.09 6.26
O4A LMR G . 18.52 11.30 5.30
O4B LMR G . 18.00 11.51 7.42
#